data_9FN3
#
_entry.id   9FN3
#
_cell.length_a   75.444
_cell.length_b   75.444
_cell.length_c   72.251
_cell.angle_alpha   90.000
_cell.angle_beta   90.000
_cell.angle_gamma   90.000
#
_symmetry.space_group_name_H-M   'P 42'
#
loop_
_entity.id
_entity.type
_entity.pdbx_description
1 polymer SAMURI-ProSeDMA
2 non-polymer Se-2,6-diaminopurinribosyl-selenohomocysteineamide
3 non-polymer 'MAGNESIUM ION'
4 water water
#
_entity_poly.entity_id   1
_entity_poly.type   'polyribonucleotide'
_entity_poly.pdbx_seq_one_letter_code
;(GDP)GAGUCAUGGCUCAGGGCUGUUCGCAGCCGCUGCAGUCAGUCGAAAGACUG(A1ID5)GACUCC
;
_entity_poly.pdbx_strand_id   A,B
#